data_3J0P
#
_entry.id   3J0P
#
_cell.length_a   1.000
_cell.length_b   1.000
_cell.length_c   1.000
_cell.angle_alpha   90.00
_cell.angle_beta   90.00
_cell.angle_gamma   90.00
#
_symmetry.space_group_name_H-M   'P 1'
#
loop_
_entity.id
_entity.type
_entity.pdbx_description
1 polymer '40S ribosomal RNA fragment'
2 polymer '40S ribosomal RNA fragment'
3 polymer '40S ribosomal RNA fragment'
4 polymer '40S ribosomal RNA fragment'
5 polymer '40S ribosomal RNA fragment'
6 polymer '40S ribosomal RNA fragment'
7 polymer '40S ribosomal RNA fragment'
8 polymer 'Ribosomal protein S15'
9 polymer 'Ribosomal protein S23'
10 polymer 'Ribosomal protein S30'
11 polymer '60S ribosomal RNA fragment'
12 polymer '60S ribosomal RNA fragment'
13 polymer '60S ribosomal RNA fragment'
14 polymer 'Ribosomal protein L10a'
15 polymer tRNA
16 polymer 'mRNA fragment'
17 polymer tRNA
18 polymer 'mRNA fragment'
#
loop_
_entity_poly.entity_id
_entity_poly.type
_entity_poly.pdbx_seq_one_letter_code
_entity_poly.pdbx_strand_id
1 'polyribonucleotide' GGAGGGCAAGUCAUGGUGCCAGCAGCCGCGGUAAUUCCAGCUCCAAUA a
2 'polyribonucleotide' GACGAUCAGAUACCGUC c
3 'polyribonucleotide' CGAGGAA d
4 'polyribonucleotide' GAACCUGCGGCUUAAUUUGACUCAACACGGG g
5 'polyribonucleotide' GCACGCGCGUUAC G
6 'polyribonucleotide' GGUGGUGGUGCAUGGCCGUUC f
7 'polyribonucleotide'
;CACCGCCCGUCGCUUGUAGUAACGAAUGGUCUGGUGAACCUUCUGGACUGCGACAGCAAUGUUGCGGAAAAAUAAGUAAA
CCCUACCAUUUGGAACAACAAGAAGUCGUAA
;
h
8 'polypeptide(L)'
;FTFRGKGLEELTALASGSNSEKLISDELAALFDAKTRRRVKRGISEKYAKFVNKVRRSKEKCPAGEKPVPVKTHYRSMIV
IPELVGGIVGVYNGKEFVNVEVKFDMIGKYLAEFAMTYKPTTHGK
;
S
9 'polypeptide(L)'
;GVGKPRGIRAGRKLARHRKDQRWADNDFNKRLLGSRWRNPFMGASHAKGLVTEKIGIESKQPNSAVRKCVRVLLRKNSKK
IAAFVPMDGCLNFLAENDEVLVAGLGRQGHAVGDIPGVRFKVVCVKGISLLALFKGKKEKR
;
L
10 'polypeptide(L)' TLAKAGKVRKQTPKVEKKDKPRKTPKGRSYKRILYNRRYAPHILATDPKKRKSPNWHAGKKEKMDAAA X
11 'polyribonucleotide'
;GCCCAGUGCUCUGAAUGUCAAAGUGAAGAAAUUCAACCAAGCGCGGGUAAACGGCGGGAGUAACUAUGACUCUCUUAAGG
UAGCCAAAUGCCUCGUCAUCUAAUUAGUGACG
;
2
12 'polyribonucleotide' GCCAGUGAAAUA 3
13 'polyribonucleotide' GCUUGUGGCAGUCAAGCGUUCAUAGCGACAUUGCUUUUUGAUUCUUCGAU 7
14 'polypeptide(L)'
;ITSSQVREHVKELLKYSNETKKRNFLETVELQVGLKNYDPQRDKRFSGSLKLPNCPRPNMSICIFGDAFDVDRAKSCGVD
AMSVDDLKKLNKNKKLIKKLSKKYNAFIASEVLIKQVPRLLGPQLSKAGKFPTPVSHNDDLYGKVTDVRSTIKFQLKKVL
CLAVAVGNVEMEEDVLVNQILMSVNFFVSLLKKNWQNVGSLVVKSSMGPAFRL
;
B
15 'polyribonucleotide' GCCCGGAUAGCUCAGUCGGUAGAGCAGGGGAUUGAAAAUCCCCGUGUCCUUGGUUCGAUUCCGAGUCCGGGCACC Y
16 'polyribonucleotide' UUC y
17 'polyribonucleotide' CGCGGGGUGGAGCAGCCUGGUAGCUCGUCGGGCUCAUAACCCGAAGGUCGUCGGUUCAAAUCCGGCCCCCGCAACCA W
18 'polyribonucleotide' AA w
#
loop_
_chem_comp.id
_chem_comp.type
_chem_comp.name
_chem_comp.formula
A RNA linking ADENOSINE-5'-MONOPHOSPHATE 'C10 H14 N5 O7 P'
C RNA linking CYTIDINE-5'-MONOPHOSPHATE 'C9 H14 N3 O8 P'
G RNA linking GUANOSINE-5'-MONOPHOSPHATE 'C10 H14 N5 O8 P'
U RNA linking URIDINE-5'-MONOPHOSPHATE 'C9 H13 N2 O9 P'
#
# COMPACT_ATOMS: atom_id res chain seq x y z
N PHE H 1 -32.65 18.01 35.10
CA PHE H 1 -32.80 17.40 36.45
C PHE H 1 -31.59 16.49 36.75
N THR H 2 -30.45 17.10 37.08
CA THR H 2 -29.21 16.38 37.37
C THR H 2 -28.69 16.60 38.78
N PHE H 3 -28.06 15.58 39.36
CA PHE H 3 -27.49 15.68 40.70
C PHE H 3 -25.99 15.36 40.74
N ARG H 4 -25.44 15.22 41.94
CA ARG H 4 -24.01 14.95 42.10
C ARG H 4 -23.61 13.79 43.03
N GLY H 5 -22.67 12.98 42.56
CA GLY H 5 -22.15 11.84 43.29
C GLY H 5 -22.67 11.49 44.68
N LYS H 6 -22.10 12.12 45.71
CA LYS H 6 -22.47 11.86 47.11
C LYS H 6 -22.92 13.09 47.93
N GLY H 7 -23.32 14.17 47.25
CA GLY H 7 -23.76 15.35 47.97
C GLY H 7 -22.60 16.26 48.29
N LEU H 8 -22.37 17.24 47.42
CA LEU H 8 -21.28 18.20 47.56
C LEU H 8 -21.16 18.81 48.95
N GLU H 9 -22.28 18.95 49.63
CA GLU H 9 -22.27 19.53 50.96
C GLU H 9 -21.89 18.54 52.07
N GLU H 10 -22.49 17.35 52.04
CA GLU H 10 -22.19 16.34 53.06
C GLU H 10 -20.70 16.24 53.25
N LEU H 11 -19.99 16.36 52.13
CA LEU H 11 -18.53 16.28 52.10
C LEU H 11 -17.81 17.50 52.69
N THR H 12 -18.37 18.69 52.48
CA THR H 12 -17.74 19.89 53.03
C THR H 12 -17.79 19.78 54.54
N ALA H 13 -18.78 19.03 55.03
CA ALA H 13 -18.99 18.79 56.46
C ALA H 13 -18.20 17.55 56.85
N LEU H 14 -18.03 16.69 55.87
CA LEU H 14 -17.28 15.45 56.04
C LEU H 14 -15.80 15.76 56.09
N ALA H 15 -15.34 16.66 55.20
CA ALA H 15 -13.95 17.06 55.13
C ALA H 15 -13.57 18.05 56.23
N SER H 16 -14.37 19.11 56.38
CA SER H 16 -14.14 20.12 57.41
C SER H 16 -14.88 19.74 58.71
N GLY H 17 -15.06 18.44 58.92
CA GLY H 17 -15.76 17.94 60.10
C GLY H 17 -15.14 18.39 61.40
N SER H 18 -15.66 17.88 62.52
CA SER H 18 -15.16 18.26 63.85
C SER H 18 -13.64 18.43 63.87
N ASN H 19 -12.92 17.50 63.25
CA ASN H 19 -11.46 17.56 63.19
C ASN H 19 -10.95 17.81 61.77
N SER H 20 -11.12 19.04 61.30
CA SER H 20 -10.68 19.42 59.95
C SER H 20 -9.18 19.66 59.94
N GLU H 21 -8.46 18.70 60.51
CA GLU H 21 -7.00 18.73 60.60
C GLU H 21 -6.37 18.46 59.23
N LYS H 22 -5.90 17.22 59.04
CA LYS H 22 -5.28 16.79 57.80
C LYS H 22 -6.23 16.94 56.62
N LEU H 23 -5.82 17.71 55.62
CA LEU H 23 -6.62 17.96 54.41
C LEU H 23 -7.67 16.90 54.08
N ILE H 24 -7.30 15.64 54.27
CA ILE H 24 -8.19 14.55 53.98
C ILE H 24 -8.56 13.79 55.24
N SER H 25 -9.60 14.26 55.90
CA SER H 25 -10.06 13.62 57.11
C SER H 25 -10.25 12.14 56.80
N ASP H 26 -10.12 11.30 57.81
CA ASP H 26 -10.27 9.86 57.64
C ASP H 26 -11.64 9.54 57.06
N GLU H 27 -12.51 10.55 57.04
CA GLU H 27 -13.86 10.41 56.48
C GLU H 27 -13.71 10.19 54.99
N LEU H 28 -13.18 11.20 54.32
CA LEU H 28 -12.96 11.15 52.88
C LEU H 28 -12.21 9.87 52.54
N ALA H 29 -11.47 9.34 53.51
CA ALA H 29 -10.70 8.13 53.30
C ALA H 29 -11.59 6.99 52.80
N ALA H 30 -12.69 6.74 53.50
CA ALA H 30 -13.63 5.68 53.15
C ALA H 30 -14.10 5.78 51.70
N LEU H 31 -14.04 6.98 51.15
CA LEU H 31 -14.48 7.25 49.79
C LEU H 31 -13.52 6.93 48.66
N PHE H 32 -12.23 7.23 48.85
CA PHE H 32 -11.23 7.00 47.80
C PHE H 32 -10.77 5.58 47.55
N ASP H 33 -10.26 5.37 46.33
CA ASP H 33 -9.75 4.08 45.89
C ASP H 33 -8.53 3.73 46.73
N ALA H 34 -8.16 2.46 46.74
CA ALA H 34 -7.01 1.98 47.50
C ALA H 34 -5.73 2.80 47.28
N LYS H 35 -5.40 3.08 46.02
CA LYS H 35 -4.19 3.84 45.68
C LYS H 35 -4.15 5.20 46.36
N THR H 36 -5.27 5.91 46.33
CA THR H 36 -5.34 7.21 46.96
C THR H 36 -5.23 7.06 48.49
N ARG H 37 -6.04 6.16 49.05
CA ARG H 37 -6.06 5.87 50.49
C ARG H 37 -4.66 5.54 50.96
N ARG H 38 -3.98 4.79 50.11
CA ARG H 38 -2.61 4.37 50.37
C ARG H 38 -1.81 5.63 50.67
N ARG H 39 -1.71 6.50 49.68
CA ARG H 39 -0.96 7.74 49.79
C ARG H 39 -1.24 8.57 51.03
N VAL H 40 -2.49 8.97 51.21
CA VAL H 40 -2.85 9.78 52.35
C VAL H 40 -2.53 9.08 53.68
N LYS H 41 -2.91 7.80 53.79
CA LYS H 41 -2.67 7.02 54.99
C LYS H 41 -1.18 6.77 55.19
N ARG H 42 -0.42 7.05 54.14
CA ARG H 42 1.02 6.84 54.16
C ARG H 42 1.78 8.11 54.57
N GLY H 43 1.90 9.07 53.65
CA GLY H 43 2.63 10.29 53.95
C GLY H 43 2.42 11.34 52.89
N ILE H 44 1.38 12.15 53.10
CA ILE H 44 1.04 13.23 52.20
C ILE H 44 1.79 14.49 52.65
N SER H 45 2.19 15.33 51.70
CA SER H 45 2.94 16.54 52.00
C SER H 45 2.12 17.72 52.51
N GLU H 46 2.81 18.67 53.14
CA GLU H 46 2.18 19.86 53.71
C GLU H 46 1.99 20.94 52.65
N LYS H 47 2.91 20.99 51.70
CA LYS H 47 2.80 21.98 50.63
C LYS H 47 1.40 21.85 50.05
N TYR H 48 0.96 20.59 49.89
CA TYR H 48 -0.37 20.31 49.38
C TYR H 48 -1.47 20.99 50.21
N ALA H 49 -1.10 21.54 51.36
CA ALA H 49 -2.06 22.20 52.24
C ALA H 49 -2.09 23.71 52.06
N LYS H 50 -0.95 24.28 51.72
CA LYS H 50 -0.89 25.72 51.53
C LYS H 50 -1.41 26.01 50.13
N PHE H 51 -1.34 25.00 49.26
CA PHE H 51 -1.85 25.14 47.91
C PHE H 51 -3.36 25.16 48.03
N VAL H 52 -3.85 24.35 48.96
CA VAL H 52 -5.27 24.24 49.22
C VAL H 52 -5.86 25.62 49.48
N ASN H 53 -5.32 26.29 50.49
CA ASN H 53 -5.79 27.62 50.87
C ASN H 53 -5.69 28.64 49.74
N LYS H 54 -4.74 28.44 48.83
CA LYS H 54 -4.59 29.36 47.71
C LYS H 54 -5.79 29.34 46.79
N VAL H 55 -6.46 28.20 46.70
CA VAL H 55 -7.68 28.07 45.90
C VAL H 55 -8.79 28.76 46.70
N ARG H 56 -8.81 28.50 48.01
CA ARG H 56 -9.77 29.04 48.96
C ARG H 56 -10.05 30.52 48.72
N ARG H 57 -8.99 31.32 48.77
CA ARG H 57 -9.09 32.76 48.57
C ARG H 57 -9.61 33.06 47.18
N SER H 58 -9.21 32.26 46.20
CA SER H 58 -9.64 32.45 44.83
C SER H 58 -11.14 32.24 44.65
N LYS H 59 -11.71 31.28 45.39
CA LYS H 59 -13.14 30.98 45.31
C LYS H 59 -14.11 32.00 45.92
N GLU H 60 -13.68 32.68 46.98
CA GLU H 60 -14.53 33.65 47.65
C GLU H 60 -14.37 35.06 47.14
N LYS H 61 -13.17 35.62 47.31
CA LYS H 61 -12.88 36.99 46.90
C LYS H 61 -13.47 37.32 45.53
N CYS H 62 -13.41 36.37 44.60
CA CYS H 62 -13.97 36.58 43.27
C CYS H 62 -15.47 36.81 43.33
N PRO H 63 -15.96 37.88 42.70
CA PRO H 63 -17.39 38.19 42.70
C PRO H 63 -18.15 37.10 41.95
N ALA H 64 -19.47 37.08 42.08
CA ALA H 64 -20.28 36.09 41.37
C ALA H 64 -20.13 36.32 39.86
N GLY H 65 -19.20 37.19 39.51
CA GLY H 65 -18.95 37.49 38.11
C GLY H 65 -18.17 36.34 37.50
N GLU H 66 -18.28 35.19 38.18
CA GLU H 66 -17.63 33.93 37.80
C GLU H 66 -16.26 34.02 37.15
N LYS H 67 -15.41 34.86 37.73
CA LYS H 67 -14.05 35.06 37.22
C LYS H 67 -13.01 34.65 38.28
N PRO H 68 -12.76 33.33 38.43
CA PRO H 68 -11.78 32.84 39.42
C PRO H 68 -10.32 33.18 39.10
N VAL H 69 -9.54 33.45 40.15
CA VAL H 69 -8.13 33.76 39.99
C VAL H 69 -7.40 32.44 39.81
N PRO H 70 -6.90 32.16 38.60
CA PRO H 70 -6.20 30.89 38.39
C PRO H 70 -5.02 30.67 39.34
N VAL H 71 -5.04 29.53 40.03
CA VAL H 71 -3.99 29.15 40.98
C VAL H 71 -3.00 28.25 40.22
N LYS H 72 -1.71 28.61 40.22
CA LYS H 72 -0.69 27.85 39.49
C LYS H 72 0.06 26.80 40.31
N THR H 73 0.21 25.61 39.76
CA THR H 73 0.91 24.55 40.47
C THR H 73 1.55 23.45 39.64
N HIS H 74 2.57 22.81 40.22
CA HIS H 74 3.27 21.71 39.59
C HIS H 74 2.87 20.43 40.30
N TYR H 75 2.11 20.58 41.38
CA TYR H 75 1.67 19.44 42.19
C TYR H 75 0.69 18.55 41.45
N ARG H 76 1.08 18.13 40.25
CA ARG H 76 0.24 17.28 39.41
C ARG H 76 -0.11 15.99 40.13
N SER H 77 0.60 15.72 41.22
CA SER H 77 0.36 14.50 41.99
C SER H 77 -0.78 14.65 42.97
N MET H 78 -1.31 15.85 43.11
CA MET H 78 -2.42 16.09 44.02
C MET H 78 -3.74 15.44 43.57
N ILE H 79 -4.46 14.85 44.52
CA ILE H 79 -5.75 14.21 44.26
C ILE H 79 -6.80 15.20 44.71
N VAL H 80 -7.57 15.70 43.75
CA VAL H 80 -8.62 16.68 44.03
C VAL H 80 -9.41 16.41 45.31
N ILE H 81 -9.45 17.42 46.18
CA ILE H 81 -10.18 17.34 47.44
C ILE H 81 -11.55 18.00 47.21
N PRO H 82 -12.61 17.52 47.89
CA PRO H 82 -13.96 18.07 47.73
C PRO H 82 -14.03 19.59 47.62
N GLU H 83 -13.42 20.27 48.59
CA GLU H 83 -13.42 21.72 48.63
C GLU H 83 -12.64 22.34 47.47
N LEU H 84 -11.99 21.50 46.66
CA LEU H 84 -11.21 21.98 45.53
C LEU H 84 -12.05 22.13 44.26
N VAL H 85 -13.34 21.81 44.38
CA VAL H 85 -14.25 21.90 43.25
C VAL H 85 -14.73 23.33 43.04
N GLY H 86 -14.80 23.76 41.79
CA GLY H 86 -15.25 25.10 41.49
C GLY H 86 -14.15 26.07 41.10
N GLY H 87 -12.94 25.83 41.60
CA GLY H 87 -11.82 26.70 41.28
C GLY H 87 -11.11 26.27 40.01
N ILE H 88 -10.48 27.22 39.33
CA ILE H 88 -9.74 26.91 38.11
C ILE H 88 -8.26 26.95 38.44
N VAL H 89 -7.65 25.77 38.51
CA VAL H 89 -6.23 25.70 38.81
C VAL H 89 -5.40 25.50 37.55
N GLY H 90 -4.31 26.26 37.48
CA GLY H 90 -3.40 26.17 36.35
C GLY H 90 -2.38 25.12 36.73
N VAL H 91 -2.34 24.05 35.96
CA VAL H 91 -1.41 22.99 36.25
C VAL H 91 -0.39 22.87 35.14
N TYR H 92 0.88 22.76 35.53
CA TYR H 92 1.97 22.64 34.60
C TYR H 92 1.95 21.23 34.02
N ASN H 93 2.40 21.07 32.78
CA ASN H 93 2.43 19.76 32.14
C ASN H 93 3.84 19.46 31.64
N GLY H 94 4.43 20.45 30.99
CA GLY H 94 5.77 20.30 30.46
C GLY H 94 6.16 21.63 29.86
N LYS H 95 5.23 22.26 29.16
CA LYS H 95 5.47 23.55 28.52
C LYS H 95 4.97 24.70 29.38
N GLU H 96 3.66 24.77 29.57
CA GLU H 96 3.09 25.85 30.36
C GLU H 96 2.11 25.37 31.42
N PHE H 97 1.26 26.27 31.90
CA PHE H 97 0.26 25.94 32.91
C PHE H 97 -1.07 25.70 32.24
N VAL H 98 -1.82 24.73 32.73
CA VAL H 98 -3.11 24.42 32.17
C VAL H 98 -4.21 24.85 33.12
N ASN H 99 -5.17 25.61 32.60
CA ASN H 99 -6.30 26.05 33.40
C ASN H 99 -7.43 25.05 33.24
N VAL H 100 -7.88 24.50 34.35
CA VAL H 100 -8.96 23.53 34.33
C VAL H 100 -10.02 23.86 35.38
N GLU H 101 -11.28 23.92 34.95
CA GLU H 101 -12.39 24.21 35.85
C GLU H 101 -12.72 22.90 36.55
N VAL H 102 -12.57 22.90 37.86
CA VAL H 102 -12.81 21.71 38.65
C VAL H 102 -14.30 21.41 38.86
N LYS H 103 -14.74 20.28 38.29
CA LYS H 103 -16.13 19.83 38.40
C LYS H 103 -16.20 18.85 39.57
N PHE H 104 -17.40 18.55 40.01
CA PHE H 104 -17.57 17.62 41.12
C PHE H 104 -17.00 16.25 40.78
N ASP H 105 -17.11 15.85 39.51
CA ASP H 105 -16.66 14.53 39.05
C ASP H 105 -15.17 14.20 39.12
N MET H 106 -14.32 15.21 39.04
CA MET H 106 -12.88 14.97 39.05
C MET H 106 -12.24 14.86 40.43
N ILE H 107 -13.03 14.45 41.42
CA ILE H 107 -12.49 14.28 42.77
C ILE H 107 -12.03 12.85 42.93
N GLY H 108 -11.05 12.65 43.80
CA GLY H 108 -10.53 11.31 44.03
C GLY H 108 -9.62 10.90 42.90
N LYS H 109 -9.59 11.76 41.88
CA LYS H 109 -8.78 11.54 40.70
C LYS H 109 -7.59 12.49 40.74
N TYR H 110 -6.48 12.06 40.16
CA TYR H 110 -5.27 12.86 40.18
C TYR H 110 -5.33 14.11 39.35
N LEU H 111 -5.04 15.21 40.01
CA LEU H 111 -5.03 16.53 39.42
C LEU H 111 -4.27 16.54 38.09
N ALA H 112 -3.36 15.59 37.93
CA ALA H 112 -2.57 15.51 36.71
C ALA H 112 -3.38 15.00 35.54
N GLU H 113 -4.42 14.21 35.84
CA GLU H 113 -5.27 13.61 34.81
C GLU H 113 -5.92 14.56 33.81
N PHE H 114 -5.68 15.85 33.95
CA PHE H 114 -6.32 16.81 33.05
C PHE H 114 -5.31 17.68 32.34
N ALA H 115 -4.13 17.81 32.92
CA ALA H 115 -3.06 18.60 32.32
C ALA H 115 -2.36 17.74 31.28
N MET H 116 -2.90 17.72 30.07
CA MET H 116 -2.34 16.93 28.99
C MET H 116 -0.84 17.17 28.94
N THR H 117 -0.08 16.08 29.02
CA THR H 117 1.38 16.13 29.03
C THR H 117 2.03 15.96 27.67
N TYR H 118 1.22 15.73 26.66
CA TYR H 118 1.75 15.54 25.32
C TYR H 118 0.63 15.65 24.33
N LYS H 119 0.91 16.22 23.17
CA LYS H 119 -0.10 16.35 22.13
C LYS H 119 -0.07 15.08 21.27
N PRO H 120 -1.11 14.22 21.38
CA PRO H 120 -1.13 12.99 20.58
C PRO H 120 -0.88 13.29 19.10
N THR H 121 -0.89 12.26 18.27
CA THR H 121 -0.54 12.46 16.87
C THR H 121 -1.56 12.59 15.72
N THR H 122 -1.33 13.62 14.91
CA THR H 122 -2.11 13.90 13.71
C THR H 122 -1.23 13.19 12.70
N HIS H 123 -1.55 13.22 11.41
CA HIS H 123 -0.67 12.54 10.47
C HIS H 123 -0.70 12.99 9.01
N GLY H 124 0.23 12.41 8.25
CA GLY H 124 0.38 12.70 6.83
C GLY H 124 1.84 12.59 6.45
N LYS H 125 2.11 12.34 5.17
CA LYS H 125 3.48 12.22 4.68
C LYS H 125 3.52 12.28 3.15
N GLY I 1 74.04 -7.23 -43.45
CA GLY I 1 74.04 -5.77 -43.14
C GLY I 1 72.72 -5.31 -42.55
N VAL I 2 72.63 -4.01 -42.24
CA VAL I 2 71.39 -3.47 -41.71
C VAL I 2 70.70 -2.78 -42.86
N GLY I 3 69.65 -2.02 -42.58
CA GLY I 3 68.93 -1.35 -43.65
C GLY I 3 69.77 -0.35 -44.43
N LYS I 4 70.43 0.54 -43.70
CA LYS I 4 71.25 1.57 -44.29
C LYS I 4 72.28 0.91 -45.22
N PRO I 5 72.59 1.52 -46.38
CA PRO I 5 73.57 0.98 -47.33
C PRO I 5 74.99 1.50 -47.05
N ARG I 6 76.00 0.61 -47.05
CA ARG I 6 77.40 0.99 -46.77
C ARG I 6 78.35 1.09 -47.95
N GLY I 7 77.96 1.78 -49.01
CA GLY I 7 78.85 1.90 -50.16
C GLY I 7 79.55 3.24 -50.17
N ILE I 8 80.78 3.24 -50.66
CA ILE I 8 81.55 4.48 -50.72
C ILE I 8 81.02 5.31 -51.86
N ARG I 9 80.36 4.65 -52.80
CA ARG I 9 79.78 5.30 -53.98
C ARG I 9 78.35 5.74 -53.70
N ALA I 10 77.79 5.25 -52.60
CA ALA I 10 76.40 5.59 -52.26
C ALA I 10 76.27 6.60 -51.13
N GLY I 11 76.84 7.78 -51.34
CA GLY I 11 76.74 8.81 -50.32
C GLY I 11 75.42 9.49 -50.57
N ARG I 12 75.19 9.86 -51.84
CA ARG I 12 73.97 10.52 -52.28
C ARG I 12 72.76 9.87 -51.64
N LYS I 13 72.66 8.55 -51.80
CA LYS I 13 71.56 7.79 -51.23
C LYS I 13 71.39 8.13 -49.76
N LEU I 14 72.42 7.86 -48.95
CA LEU I 14 72.33 8.12 -47.54
C LEU I 14 71.90 9.54 -47.27
N ALA I 15 72.44 10.48 -48.04
CA ALA I 15 72.13 11.89 -47.88
C ALA I 15 70.66 12.19 -48.03
N ARG I 16 70.11 11.81 -49.17
CA ARG I 16 68.71 12.10 -49.42
C ARG I 16 67.88 11.43 -48.36
N HIS I 17 68.27 10.21 -47.98
CA HIS I 17 67.56 9.44 -46.97
C HIS I 17 67.42 10.23 -45.69
N ARG I 18 68.52 10.80 -45.18
CA ARG I 18 68.50 11.59 -43.94
C ARG I 18 67.65 12.83 -44.06
N LYS I 19 67.75 13.51 -45.20
CA LYS I 19 66.96 14.71 -45.41
C LYS I 19 65.48 14.37 -45.37
N ASP I 20 65.15 13.16 -45.86
CA ASP I 20 63.77 12.67 -45.88
C ASP I 20 63.31 12.16 -44.52
N GLN I 21 63.87 11.05 -44.08
CA GLN I 21 63.52 10.45 -42.79
C GLN I 21 63.59 11.45 -41.66
N ARG I 22 64.14 12.63 -41.93
CA ARG I 22 64.25 13.66 -40.91
C ARG I 22 62.97 14.44 -40.64
N TRP I 23 62.03 14.41 -41.58
CA TRP I 23 60.77 15.12 -41.41
C TRP I 23 59.96 14.54 -40.29
N ALA I 24 60.36 13.36 -39.84
CA ALA I 24 59.66 12.69 -38.76
C ALA I 24 59.88 13.38 -37.43
N ASP I 25 60.69 14.43 -37.42
CA ASP I 25 60.96 15.16 -36.19
C ASP I 25 60.05 16.37 -36.11
N ASN I 26 59.36 16.54 -35.00
CA ASN I 26 58.45 17.67 -34.86
C ASN I 26 59.23 18.96 -34.71
N ASP I 27 60.26 18.93 -33.88
CA ASP I 27 61.08 20.11 -33.64
C ASP I 27 61.54 20.64 -35.00
N PHE I 28 61.90 19.72 -35.88
CA PHE I 28 62.37 20.02 -37.22
C PHE I 28 61.20 20.52 -38.06
N ASN I 29 60.23 19.64 -38.21
CA ASN I 29 59.01 19.85 -38.98
C ASN I 29 58.37 21.16 -38.59
N LYS I 30 58.59 21.55 -37.34
CA LYS I 30 58.03 22.78 -36.78
C LYS I 30 58.63 24.06 -37.37
N ARG I 31 59.89 24.32 -37.05
CA ARG I 31 60.54 25.53 -37.54
C ARG I 31 60.66 25.51 -39.04
N LEU I 32 60.76 24.30 -39.59
CA LEU I 32 60.90 24.18 -41.03
C LEU I 32 59.65 24.64 -41.77
N LEU I 33 58.50 24.46 -41.14
CA LEU I 33 57.26 24.88 -41.76
C LEU I 33 56.77 26.22 -41.21
N GLY I 34 57.63 27.24 -41.29
CA GLY I 34 57.29 28.56 -40.80
C GLY I 34 56.03 28.57 -39.94
N SER I 35 56.02 27.69 -38.95
CA SER I 35 54.88 27.54 -38.06
C SER I 35 54.92 28.63 -37.00
N ARG I 36 56.13 28.91 -36.55
CA ARG I 36 56.37 29.92 -35.52
C ARG I 36 55.79 31.27 -35.93
N TRP I 37 55.80 31.57 -37.22
CA TRP I 37 55.31 32.86 -37.73
C TRP I 37 53.79 33.01 -37.75
N ARG I 38 53.08 31.89 -37.68
CA ARG I 38 51.63 31.94 -37.74
C ARG I 38 50.94 32.05 -36.41
N ASN I 39 51.67 31.80 -35.33
CA ASN I 39 51.05 31.91 -34.01
C ASN I 39 50.62 33.36 -33.77
N PRO I 40 49.88 33.61 -32.68
CA PRO I 40 49.40 34.96 -32.33
C PRO I 40 50.43 36.08 -32.21
N PHE I 41 51.65 35.74 -31.78
CA PHE I 41 52.70 36.74 -31.64
C PHE I 41 53.49 36.94 -32.92
N MET I 42 53.28 36.04 -33.87
CA MET I 42 53.98 36.06 -35.15
C MET I 42 55.47 35.85 -34.87
N GLY I 43 55.75 34.76 -34.14
CA GLY I 43 57.11 34.41 -33.79
C GLY I 43 57.57 35.12 -32.54
N ALA I 44 57.27 36.41 -32.50
CA ALA I 44 57.62 37.27 -31.40
C ALA I 44 57.71 36.60 -30.02
N SER I 45 58.43 37.28 -29.13
CA SER I 45 58.66 36.84 -27.75
C SER I 45 57.56 37.41 -26.84
N HIS I 46 57.20 38.66 -27.13
CA HIS I 46 56.17 39.39 -26.38
C HIS I 46 55.23 40.17 -27.31
N ALA I 47 54.12 40.64 -26.76
CA ALA I 47 53.16 41.40 -27.54
C ALA I 47 52.35 42.35 -26.65
N LYS I 48 52.11 43.55 -27.16
CA LYS I 48 51.33 44.54 -26.43
C LYS I 48 49.87 44.31 -26.82
N GLY I 49 48.97 44.77 -25.96
CA GLY I 49 47.55 44.58 -26.23
C GLY I 49 46.67 45.37 -25.31
N LEU I 50 45.39 45.41 -25.64
CA LEU I 50 44.41 46.13 -24.85
C LEU I 50 43.50 45.10 -24.18
N VAL I 51 43.20 45.29 -22.91
CA VAL I 51 42.34 44.36 -22.17
C VAL I 51 40.91 44.39 -22.71
N THR I 52 40.43 43.28 -23.26
CA THR I 52 39.06 43.22 -23.77
C THR I 52 38.07 42.90 -22.66
N GLU I 53 38.54 42.34 -21.55
CA GLU I 53 37.69 42.00 -20.41
C GLU I 53 38.37 41.01 -19.48
N LYS I 54 38.12 41.10 -18.18
CA LYS I 54 38.71 40.13 -17.26
C LYS I 54 37.67 39.02 -17.08
N ILE I 55 38.05 37.81 -17.48
CA ILE I 55 37.19 36.64 -17.40
C ILE I 55 37.90 35.66 -16.49
N GLY I 56 37.14 34.70 -15.96
CA GLY I 56 37.77 33.73 -15.10
C GLY I 56 37.62 32.36 -15.71
N ILE I 57 38.58 31.48 -15.46
CA ILE I 57 38.51 30.12 -15.98
C ILE I 57 38.71 29.10 -14.86
N GLU I 58 38.04 27.95 -15.02
CA GLU I 58 38.02 26.85 -14.05
C GLU I 58 39.19 25.90 -14.21
N SER I 59 39.68 25.42 -13.08
CA SER I 59 40.81 24.51 -13.10
C SER I 59 40.34 23.18 -13.68
N LYS I 60 41.29 22.34 -14.08
CA LYS I 60 40.97 21.04 -14.67
C LYS I 60 41.04 19.89 -13.65
N GLN I 61 41.09 18.66 -14.14
CA GLN I 61 41.10 17.43 -13.33
C GLN I 61 41.09 17.42 -11.79
N PRO I 62 42.24 17.14 -11.11
CA PRO I 62 42.15 17.13 -9.64
C PRO I 62 42.07 18.48 -8.93
N ASN I 63 42.16 19.57 -9.69
CA ASN I 63 42.09 20.91 -9.14
C ASN I 63 40.77 21.60 -9.47
N SER I 64 40.31 22.43 -8.56
CA SER I 64 39.08 23.17 -8.77
C SER I 64 39.39 24.60 -8.35
N ALA I 65 39.42 25.51 -9.31
CA ALA I 65 39.72 26.89 -8.94
C ALA I 65 39.42 27.91 -10.03
N VAL I 66 39.15 29.14 -9.58
CA VAL I 66 38.83 30.27 -10.45
C VAL I 66 40.13 30.97 -10.83
N ARG I 67 40.59 30.73 -12.05
CA ARG I 67 41.82 31.35 -12.49
C ARG I 67 41.49 32.73 -13.02
N LYS I 68 42.42 33.65 -12.81
CA LYS I 68 42.26 35.03 -13.24
C LYS I 68 42.82 35.09 -14.64
N CYS I 69 42.05 35.65 -15.57
CA CYS I 69 42.47 35.71 -16.97
C CYS I 69 41.96 36.97 -17.62
N VAL I 70 42.71 37.51 -18.56
CA VAL I 70 42.28 38.70 -19.28
C VAL I 70 42.19 38.38 -20.77
N ARG I 71 41.11 38.78 -21.43
CA ARG I 71 41.03 38.54 -22.86
C ARG I 71 41.65 39.77 -23.49
N VAL I 72 42.77 39.60 -24.18
CA VAL I 72 43.46 40.74 -24.78
C VAL I 72 43.40 40.82 -26.32
N LEU I 73 43.57 42.03 -26.84
CA LEU I 73 43.60 42.29 -28.27
C LEU I 73 45.02 42.74 -28.61
N LEU I 74 45.75 41.90 -29.32
CA LEU I 74 47.13 42.20 -29.70
C LEU I 74 47.12 43.33 -30.74
N ARG I 75 48.13 44.19 -30.69
CA ARG I 75 48.19 45.32 -31.61
C ARG I 75 48.25 45.10 -33.11
N LYS I 76 49.45 44.89 -33.67
CA LYS I 76 49.56 44.69 -35.13
C LYS I 76 48.95 43.37 -35.61
N ASN I 77 48.96 42.38 -34.74
CA ASN I 77 48.41 41.07 -35.08
C ASN I 77 46.88 41.15 -35.16
N SER I 78 46.27 41.66 -34.09
CA SER I 78 44.82 41.82 -33.97
C SER I 78 44.11 40.50 -33.76
N LYS I 79 44.44 39.82 -32.67
CA LYS I 79 43.84 38.54 -32.35
C LYS I 79 43.30 38.53 -30.92
N LYS I 80 42.34 37.65 -30.69
CA LYS I 80 41.75 37.49 -29.38
C LYS I 80 42.73 36.61 -28.61
N ILE I 81 43.19 37.09 -27.46
CA ILE I 81 44.12 36.29 -26.66
C ILE I 81 43.59 35.95 -25.28
N ALA I 82 43.95 34.76 -24.83
CA ALA I 82 43.57 34.29 -23.52
C ALA I 82 44.84 34.48 -22.70
N ALA I 83 44.80 35.36 -21.71
CA ALA I 83 46.00 35.62 -20.90
C ALA I 83 45.79 35.47 -19.41
N PHE I 84 46.58 34.60 -18.82
CA PHE I 84 46.52 34.34 -17.39
C PHE I 84 47.24 35.43 -16.60
N VAL I 85 46.54 36.06 -15.67
CA VAL I 85 47.12 37.08 -14.82
C VAL I 85 47.77 36.31 -13.67
N PRO I 86 49.08 36.46 -13.46
CA PRO I 86 49.83 35.78 -12.40
C PRO I 86 49.33 35.88 -10.95
N MET I 87 50.29 35.91 -10.02
CA MET I 87 50.08 35.97 -8.57
C MET I 87 48.76 36.46 -7.99
N ASP I 88 48.58 36.26 -6.68
CA ASP I 88 47.37 36.62 -5.91
C ASP I 88 46.42 37.72 -6.41
N GLY I 89 46.51 38.91 -5.80
CA GLY I 89 45.64 40.01 -6.17
C GLY I 89 45.76 40.56 -7.56
N CYS I 90 46.80 40.18 -8.29
CA CYS I 90 47.04 40.68 -9.63
C CYS I 90 45.86 41.27 -10.40
N LEU I 91 44.82 40.50 -10.74
CA LEU I 91 43.71 41.07 -11.53
C LEU I 91 43.12 42.37 -10.97
N ASN I 92 43.39 42.67 -9.70
CA ASN I 92 42.88 43.90 -9.09
C ASN I 92 43.56 45.18 -9.64
N PHE I 93 44.62 45.01 -10.42
CA PHE I 93 45.36 46.13 -11.03
C PHE I 93 44.97 46.34 -12.49
N LEU I 94 44.66 45.25 -13.16
CA LEU I 94 44.26 45.29 -14.56
C LEU I 94 42.88 45.93 -14.71
N ALA I 95 42.86 47.16 -15.21
CA ALA I 95 41.62 47.87 -15.45
C ALA I 95 41.29 47.60 -16.92
N GLU I 96 40.02 47.39 -17.23
CA GLU I 96 39.63 47.11 -18.60
C GLU I 96 40.03 48.23 -19.57
N ASN I 97 40.66 47.85 -20.68
CA ASN I 97 41.14 48.75 -21.74
C ASN I 97 42.56 49.26 -21.59
N ASP I 98 43.22 48.90 -20.48
CA ASP I 98 44.60 49.32 -20.24
C ASP I 98 45.50 48.59 -21.22
N GLU I 99 46.77 48.98 -21.28
CA GLU I 99 47.72 48.31 -22.17
C GLU I 99 48.47 47.23 -21.40
N VAL I 100 48.53 46.04 -21.99
CA VAL I 100 49.18 44.90 -21.35
C VAL I 100 50.27 44.23 -22.21
N LEU I 101 51.31 43.74 -21.55
CA LEU I 101 52.43 43.03 -22.21
C LEU I 101 52.38 41.54 -21.84
N VAL I 102 52.16 40.70 -22.83
CA VAL I 102 52.05 39.26 -22.63
C VAL I 102 53.17 38.40 -23.22
N ALA I 103 53.47 37.30 -22.53
CA ALA I 103 54.48 36.34 -22.94
C ALA I 103 53.93 34.95 -22.67
N GLY I 104 54.50 33.93 -23.30
CA GLY I 104 54.03 32.57 -23.12
C GLY I 104 54.39 31.92 -21.79
N LEU I 105 53.91 30.70 -21.61
CA LEU I 105 54.20 29.94 -20.39
C LEU I 105 54.89 28.65 -20.88
N GLY I 106 56.08 28.34 -20.34
CA GLY I 106 56.81 27.13 -20.71
C GLY I 106 56.55 26.56 -22.11
N ARG I 107 57.49 26.80 -23.02
CA ARG I 107 57.38 26.37 -24.42
C ARG I 107 55.98 26.58 -24.97
N GLN I 108 55.91 27.45 -25.97
CA GLN I 108 54.65 27.81 -26.60
C GLN I 108 53.83 26.62 -27.06
N GLY I 109 52.85 26.21 -26.25
CA GLY I 109 51.99 25.11 -26.65
C GLY I 109 51.08 24.66 -25.53
N HIS I 110 51.57 23.77 -24.68
CA HIS I 110 50.77 23.28 -23.57
C HIS I 110 50.75 24.41 -22.54
N ALA I 111 49.58 24.69 -21.97
CA ALA I 111 49.49 25.72 -20.93
C ALA I 111 49.90 25.01 -19.65
N VAL I 112 50.02 25.74 -18.54
CA VAL I 112 50.40 25.09 -17.27
C VAL I 112 49.42 23.96 -17.03
N GLY I 113 49.91 22.81 -16.53
CA GLY I 113 49.02 21.69 -16.29
C GLY I 113 47.57 22.01 -15.89
N ASP I 114 47.41 23.00 -15.00
CA ASP I 114 46.10 23.42 -14.46
C ASP I 114 45.12 24.10 -15.43
N ILE I 115 45.60 25.15 -16.09
CA ILE I 115 44.82 25.93 -17.05
C ILE I 115 44.24 25.10 -18.22
N PRO I 116 43.15 25.58 -18.85
CA PRO I 116 42.54 24.87 -19.97
C PRO I 116 43.09 25.27 -21.35
N GLY I 117 42.59 26.36 -21.92
CA GLY I 117 43.05 26.79 -23.23
C GLY I 117 43.85 28.08 -23.24
N VAL I 118 44.45 28.41 -22.10
CA VAL I 118 45.26 29.62 -21.93
C VAL I 118 46.72 29.36 -22.26
N ARG I 119 47.29 30.21 -23.11
CA ARG I 119 48.68 30.04 -23.50
C ARG I 119 49.53 31.26 -23.19
N PHE I 120 48.97 32.24 -22.49
CA PHE I 120 49.73 33.46 -22.18
C PHE I 120 49.69 34.00 -20.76
N LYS I 121 50.75 34.74 -20.46
CA LYS I 121 50.99 35.34 -19.16
C LYS I 121 50.92 36.86 -19.34
N VAL I 122 50.49 37.56 -18.29
CA VAL I 122 50.40 39.02 -18.33
C VAL I 122 51.53 39.61 -17.48
N VAL I 123 52.38 40.44 -18.06
CA VAL I 123 53.47 41.02 -17.28
C VAL I 123 53.43 42.54 -17.06
N CYS I 124 52.62 43.25 -17.82
CA CYS I 124 52.53 44.70 -17.66
C CYS I 124 51.15 45.33 -17.81
N VAL I 125 50.89 46.30 -16.93
CA VAL I 125 49.64 47.03 -16.88
C VAL I 125 49.94 48.51 -17.11
N LYS I 126 49.48 49.07 -18.22
CA LYS I 126 49.75 50.48 -18.50
C LYS I 126 51.27 50.65 -18.52
N GLY I 127 51.98 49.60 -18.94
CA GLY I 127 53.43 49.68 -18.97
C GLY I 127 54.05 49.78 -17.58
N ILE I 128 53.60 48.91 -16.66
CA ILE I 128 54.10 48.84 -15.28
C ILE I 128 54.19 47.37 -14.92
N SER I 129 55.40 46.83 -14.84
CA SER I 129 55.58 45.43 -14.49
C SER I 129 54.64 45.04 -13.35
N LEU I 130 53.99 43.89 -13.50
CA LEU I 130 53.07 43.44 -12.46
C LEU I 130 53.80 43.27 -11.14
N LEU I 131 54.88 42.50 -11.13
CA LEU I 131 55.64 42.29 -9.89
C LEU I 131 55.73 43.61 -9.13
N ALA I 132 56.06 44.68 -9.86
CA ALA I 132 56.16 46.01 -9.28
C ALA I 132 54.88 46.40 -8.55
N LEU I 133 53.74 46.15 -9.17
CA LEU I 133 52.45 46.48 -8.56
C LEU I 133 52.12 45.48 -7.45
N PHE I 134 52.78 44.33 -7.46
CA PHE I 134 52.52 43.30 -6.46
C PHE I 134 53.17 43.62 -5.13
N LYS I 135 54.29 44.32 -5.16
CA LYS I 135 54.97 44.66 -3.93
C LYS I 135 54.78 46.13 -3.65
N GLY I 136 54.05 46.43 -2.58
CA GLY I 136 53.75 47.80 -2.19
C GLY I 136 54.80 48.86 -2.44
N LYS I 137 55.96 48.70 -1.81
CA LYS I 137 57.07 49.65 -1.93
C LYS I 137 57.58 49.90 -3.37
N LYS I 138 56.91 49.33 -4.37
CA LYS I 138 57.38 49.52 -5.75
C LYS I 138 56.62 50.56 -6.59
N GLU I 139 55.42 50.23 -7.07
CA GLU I 139 54.66 51.15 -7.91
C GLU I 139 53.14 50.93 -7.91
N LYS I 140 52.40 51.98 -8.27
CA LYS I 140 50.93 51.93 -8.34
C LYS I 140 50.38 53.22 -8.96
N ARG I 141 49.31 53.09 -9.74
CA ARG I 141 48.68 54.25 -10.37
C ARG I 141 47.18 54.31 -10.14
N THR J 1 34.11 33.55 -9.95
CA THR J 1 33.80 34.83 -9.23
C THR J 1 34.44 36.01 -9.97
N LEU J 2 35.09 36.84 -9.19
CA LEU J 2 35.80 38.02 -9.66
C LEU J 2 36.07 38.80 -8.39
N ALA J 3 34.99 39.33 -7.81
CA ALA J 3 35.09 40.11 -6.59
C ALA J 3 35.85 39.31 -5.52
N LYS J 4 36.04 38.03 -5.77
CA LYS J 4 36.74 37.16 -4.84
C LYS J 4 38.25 37.24 -5.09
N ALA J 5 38.67 38.27 -5.81
CA ALA J 5 40.07 38.49 -6.16
C ALA J 5 41.00 38.75 -4.97
N GLY J 6 42.07 37.98 -4.87
CA GLY J 6 43.02 38.15 -3.78
C GLY J 6 42.42 38.04 -2.39
N LYS J 7 41.36 37.26 -2.26
CA LYS J 7 40.70 37.04 -0.98
C LYS J 7 41.75 36.77 0.10
N VAL J 8 42.71 35.92 -0.22
CA VAL J 8 43.77 35.54 0.71
C VAL J 8 44.58 36.69 1.28
N ARG J 9 45.39 37.34 0.44
CA ARG J 9 46.23 38.46 0.87
C ARG J 9 45.50 39.54 1.69
N LYS J 10 44.30 39.90 1.26
CA LYS J 10 43.51 40.90 1.98
C LYS J 10 43.30 40.42 3.42
N GLN J 11 42.99 39.12 3.58
CA GLN J 11 42.74 38.51 4.89
C GLN J 11 43.98 38.26 5.75
N THR J 12 45.16 38.41 5.17
CA THR J 12 46.40 38.16 5.90
C THR J 12 46.86 39.31 6.80
N PRO J 13 47.12 39.01 8.08
CA PRO J 13 47.57 39.98 9.08
C PRO J 13 49.03 40.35 8.78
N LYS J 14 49.28 41.59 8.38
CA LYS J 14 50.64 41.98 8.07
C LYS J 14 51.59 42.04 9.27
N VAL J 15 52.43 41.03 9.38
CA VAL J 15 53.41 40.95 10.46
C VAL J 15 54.62 41.77 9.98
N GLU J 16 55.37 42.34 10.91
CA GLU J 16 56.55 43.12 10.56
C GLU J 16 57.84 42.32 10.66
N LYS J 17 58.88 42.81 10.02
CA LYS J 17 60.15 42.12 10.02
C LYS J 17 61.11 42.64 11.09
N LYS J 18 61.76 41.70 11.78
CA LYS J 18 62.71 42.00 12.85
C LYS J 18 63.81 42.96 12.41
N ASP J 19 63.61 44.24 12.68
CA ASP J 19 64.58 45.27 12.29
C ASP J 19 66.02 44.90 12.68
N LYS J 20 66.76 44.46 11.66
CA LYS J 20 68.15 44.04 11.77
C LYS J 20 68.83 44.44 13.07
N PRO J 21 69.16 43.47 13.93
CA PRO J 21 69.83 43.85 15.18
C PRO J 21 71.07 44.63 14.79
N ARG J 22 71.94 44.00 14.01
CA ARG J 22 73.17 44.64 13.55
C ARG J 22 73.23 44.80 12.03
N LYS J 23 73.91 43.85 11.37
CA LYS J 23 74.05 43.89 9.91
C LYS J 23 74.37 42.49 9.37
N THR J 24 74.23 42.33 8.05
CA THR J 24 74.55 41.05 7.40
C THR J 24 75.67 41.36 6.41
N PRO J 25 76.93 41.03 6.78
CA PRO J 25 78.08 41.28 5.91
C PRO J 25 77.93 40.72 4.50
N LYS J 26 77.94 41.62 3.53
CA LYS J 26 77.82 41.22 2.13
C LYS J 26 79.16 41.35 1.43
N GLY J 27 79.71 40.21 1.02
CA GLY J 27 80.99 40.21 0.34
C GLY J 27 81.69 38.92 0.72
N ARG J 28 83.01 38.88 0.52
CA ARG J 28 83.79 37.69 0.88
C ARG J 28 83.51 37.32 2.32
N SER J 29 82.98 38.28 3.07
CA SER J 29 82.67 38.10 4.47
C SER J 29 81.57 37.08 4.68
N TYR J 30 80.47 37.21 3.94
CA TYR J 30 79.35 36.28 4.07
C TYR J 30 79.81 34.88 3.71
N LYS J 31 80.50 34.76 2.57
CA LYS J 31 81.01 33.47 2.10
C LYS J 31 81.99 32.95 3.14
N ARG J 32 82.61 33.88 3.86
CA ARG J 32 83.54 33.49 4.90
C ARG J 32 82.78 32.85 6.06
N ILE J 33 81.80 33.58 6.60
CA ILE J 33 81.00 33.11 7.74
C ILE J 33 80.43 31.75 7.49
N LEU J 34 79.90 31.57 6.29
CA LEU J 34 79.32 30.31 5.92
C LEU J 34 80.41 29.25 6.01
N TYR J 35 81.55 29.51 5.37
CA TYR J 35 82.66 28.57 5.41
C TYR J 35 82.93 28.12 6.86
N ASN J 36 82.88 29.08 7.77
CA ASN J 36 83.13 28.84 9.19
C ASN J 36 82.02 28.09 9.91
N ARG J 37 80.78 28.47 9.68
CA ARG J 37 79.67 27.83 10.33
C ARG J 37 79.46 26.39 9.87
N ARG J 38 80.00 26.03 8.70
CA ARG J 38 79.79 24.67 8.22
C ARG J 38 81.00 23.85 7.76
N TYR J 39 81.84 24.41 6.89
CA TYR J 39 82.99 23.68 6.38
C TYR J 39 84.28 23.94 7.13
N ALA J 40 84.17 24.57 8.29
CA ALA J 40 85.33 24.84 9.13
C ALA J 40 85.68 23.48 9.73
N PRO J 41 86.98 23.16 9.83
CA PRO J 41 87.46 21.89 10.38
C PRO J 41 86.83 21.27 11.64
N HIS J 42 86.13 22.03 12.48
CA HIS J 42 85.53 21.39 13.64
C HIS J 42 84.26 20.59 13.29
N ILE J 43 83.62 20.93 12.19
CA ILE J 43 82.41 20.21 11.73
C ILE J 43 82.78 19.07 10.77
N LEU J 44 83.88 19.23 10.03
CA LEU J 44 84.36 18.21 9.11
C LEU J 44 85.11 17.22 10.00
N ALA J 45 85.27 17.62 11.25
CA ALA J 45 85.95 16.82 12.27
C ALA J 45 85.03 15.70 12.73
N THR J 46 83.89 16.05 13.30
CA THR J 46 82.96 15.02 13.77
C THR J 46 82.46 14.32 12.50
N ASP J 47 82.03 13.07 12.66
CA ASP J 47 81.55 12.26 11.53
C ASP J 47 80.89 13.08 10.43
N PRO J 48 81.10 12.69 9.16
CA PRO J 48 80.50 13.41 8.04
C PRO J 48 79.11 12.83 7.86
N LYS J 49 78.84 11.77 8.63
CA LYS J 49 77.58 11.05 8.61
C LYS J 49 76.66 11.44 9.77
N LYS J 50 77.21 12.16 10.75
CA LYS J 50 76.44 12.57 11.93
C LYS J 50 76.44 14.10 12.16
N ARG J 51 76.69 14.87 11.11
CA ARG J 51 76.70 16.32 11.23
C ARG J 51 75.34 16.89 10.82
N LYS J 52 74.89 17.86 11.60
CA LYS J 52 73.59 18.52 11.45
C LYS J 52 73.18 19.24 10.15
N SER J 53 71.88 19.51 10.06
CA SER J 53 71.25 20.19 8.92
C SER J 53 71.44 21.69 9.00
N PRO J 54 72.02 22.29 7.95
CA PRO J 54 72.25 23.75 7.88
C PRO J 54 71.03 24.62 8.14
N ASN J 55 69.94 24.02 8.63
CA ASN J 55 68.71 24.74 8.99
C ASN J 55 67.85 24.00 10.01
N TRP J 56 68.46 23.10 10.78
CA TRP J 56 67.72 22.40 11.83
C TRP J 56 67.47 23.50 12.88
N HIS J 57 68.28 24.55 12.79
CA HIS J 57 68.22 25.76 13.63
C HIS J 57 67.07 26.58 13.06
N ALA J 58 65.96 25.90 12.79
CA ALA J 58 64.78 26.54 12.19
C ALA J 58 64.46 27.87 12.87
N GLY J 59 65.29 28.24 13.83
CA GLY J 59 65.10 29.47 14.55
C GLY J 59 64.54 29.12 15.91
N LYS J 60 64.78 27.89 16.32
CA LYS J 60 64.30 27.38 17.60
C LYS J 60 65.18 27.84 18.77
N LYS J 61 64.70 28.83 19.51
CA LYS J 61 65.41 29.39 20.67
C LYS J 61 65.84 28.35 21.71
N GLU J 62 65.10 27.25 21.81
CA GLU J 62 65.41 26.19 22.78
C GLU J 62 66.55 25.27 22.35
N LYS J 63 66.64 25.01 21.04
CA LYS J 63 67.72 24.17 20.49
C LYS J 63 68.86 25.07 20.01
N MET J 64 68.58 26.38 19.94
CA MET J 64 69.54 27.39 19.50
C MET J 64 70.64 27.55 20.54
N ASP J 65 70.24 27.53 21.81
CA ASP J 65 71.15 27.66 22.94
C ASP J 65 71.83 26.33 23.31
N ALA J 66 71.11 25.23 23.18
CA ALA J 66 71.64 23.90 23.50
C ALA J 66 72.87 23.57 22.67
N ALA J 67 72.89 24.05 21.43
CA ALA J 67 74.01 23.84 20.52
C ALA J 67 75.19 24.75 20.87
N ALA J 68 74.92 26.05 21.00
CA ALA J 68 75.95 27.04 21.34
C ALA J 68 76.27 27.01 22.83
N ILE N 1 -49.16 -48.01 -31.92
CA ILE N 1 -48.51 -46.83 -32.47
C ILE N 1 -49.51 -45.90 -33.18
N THR N 2 -50.40 -45.30 -32.40
CA THR N 2 -51.45 -44.43 -32.93
C THR N 2 -51.74 -44.77 -34.39
N SER N 3 -52.24 -45.98 -34.61
CA SER N 3 -52.55 -46.45 -35.95
C SER N 3 -53.82 -47.30 -35.93
N SER N 4 -54.19 -47.83 -37.09
CA SER N 4 -55.38 -48.67 -37.21
C SER N 4 -55.39 -49.71 -36.10
N GLN N 5 -54.22 -50.28 -35.82
CA GLN N 5 -54.08 -51.40 -34.90
C GLN N 5 -54.54 -51.13 -33.46
N VAL N 6 -54.98 -49.90 -33.19
CA VAL N 6 -55.50 -49.57 -31.86
C VAL N 6 -56.64 -50.51 -31.49
N ARG N 7 -57.50 -50.79 -32.47
CA ARG N 7 -58.61 -51.70 -32.29
C ARG N 7 -58.14 -53.14 -32.46
N GLU N 8 -56.83 -53.33 -32.61
CA GLU N 8 -56.24 -54.66 -32.56
C GLU N 8 -55.76 -54.88 -31.14
N HIS N 9 -55.45 -53.79 -30.46
CA HIS N 9 -55.17 -53.82 -29.03
C HIS N 9 -56.47 -53.83 -28.24
N VAL N 10 -57.55 -53.39 -28.89
CA VAL N 10 -58.86 -53.34 -28.25
C VAL N 10 -59.83 -54.41 -28.77
N LYS N 11 -60.38 -54.19 -29.96
CA LYS N 11 -61.37 -55.10 -30.53
C LYS N 11 -60.83 -56.51 -30.73
N GLU N 12 -59.75 -56.64 -31.50
CA GLU N 12 -59.12 -57.93 -31.75
C GLU N 12 -58.49 -58.48 -30.47
N LEU N 13 -58.23 -57.58 -29.53
CA LEU N 13 -57.69 -57.98 -28.23
C LEU N 13 -58.70 -57.70 -27.14
N LEU N 14 -59.72 -58.56 -27.05
CA LEU N 14 -60.78 -58.40 -26.05
C LEU N 14 -61.43 -59.75 -25.70
N LYS N 15 -60.91 -60.81 -26.31
CA LYS N 15 -61.43 -62.16 -26.05
C LYS N 15 -60.35 -63.20 -26.32
N TYR N 16 -59.11 -62.88 -25.95
CA TYR N 16 -57.97 -63.75 -26.20
C TYR N 16 -57.99 -64.97 -25.29
N SER N 17 -58.16 -64.73 -23.99
CA SER N 17 -58.19 -65.81 -23.01
C SER N 17 -56.98 -66.73 -23.12
N ASN N 18 -57.10 -67.93 -22.58
CA ASN N 18 -56.01 -68.90 -22.61
C ASN N 18 -56.50 -70.32 -22.33
N GLU N 19 -57.72 -70.63 -22.78
CA GLU N 19 -58.29 -71.96 -22.54
C GLU N 19 -59.44 -72.29 -23.50
N THR N 20 -60.66 -72.33 -22.96
CA THR N 20 -61.83 -72.79 -23.72
C THR N 20 -62.76 -71.64 -24.16
N LYS N 21 -64.05 -71.81 -23.90
CA LYS N 21 -65.07 -70.85 -24.35
C LYS N 21 -64.71 -69.40 -24.04
N LYS N 22 -65.11 -68.93 -22.87
CA LYS N 22 -64.82 -67.55 -22.47
C LYS N 22 -65.22 -67.26 -21.01
N ARG N 23 -65.39 -68.31 -20.21
CA ARG N 23 -65.67 -68.22 -18.78
C ARG N 23 -67.16 -68.08 -18.43
N ASN N 24 -67.44 -67.38 -17.33
CA ASN N 24 -68.82 -67.19 -16.87
C ASN N 24 -68.96 -66.09 -15.80
N PHE N 25 -67.89 -65.33 -15.57
CA PHE N 25 -67.91 -64.25 -14.59
C PHE N 25 -67.56 -62.90 -15.21
N LEU N 26 -67.70 -61.84 -14.43
CA LEU N 26 -67.54 -60.46 -14.91
C LEU N 26 -66.17 -60.20 -15.54
N GLU N 27 -66.03 -59.04 -16.19
CA GLU N 27 -64.80 -58.67 -16.90
C GLU N 27 -64.03 -57.55 -16.20
N THR N 28 -62.88 -57.18 -16.76
CA THR N 28 -62.03 -56.14 -16.18
C THR N 28 -60.98 -55.63 -17.15
N VAL N 29 -61.31 -54.58 -17.88
CA VAL N 29 -60.40 -54.00 -18.87
C VAL N 29 -60.01 -52.56 -18.53
N GLU N 30 -59.11 -51.99 -19.33
CA GLU N 30 -58.67 -50.61 -19.13
C GLU N 30 -57.84 -50.11 -20.31
N LEU N 31 -56.93 -49.17 -20.06
CA LEU N 31 -56.10 -48.60 -21.11
C LEU N 31 -54.90 -47.88 -20.50
N GLN N 32 -53.75 -48.55 -20.50
CA GLN N 32 -52.58 -48.04 -19.80
C GLN N 32 -51.92 -46.83 -20.46
N VAL N 33 -51.30 -46.00 -19.63
CA VAL N 33 -50.60 -44.79 -20.08
C VAL N 33 -49.68 -44.24 -18.98
N GLY N 34 -49.94 -43.01 -18.54
CA GLY N 34 -49.12 -42.38 -17.51
C GLY N 34 -49.70 -41.11 -16.89
N LEU N 35 -48.83 -40.17 -16.57
CA LEU N 35 -49.24 -38.91 -15.93
C LEU N 35 -48.74 -37.69 -16.68
N LYS N 36 -47.48 -37.76 -17.14
CA LYS N 36 -46.86 -36.70 -17.93
C LYS N 36 -45.36 -36.92 -18.03
N ASN N 37 -44.82 -37.73 -17.12
CA ASN N 37 -43.40 -38.07 -17.10
C ASN N 37 -42.50 -36.84 -16.95
N TYR N 38 -43.11 -35.70 -16.62
CA TYR N 38 -42.36 -34.47 -16.46
C TYR N 38 -41.35 -34.57 -15.32
N ASP N 39 -41.81 -34.30 -14.10
CA ASP N 39 -40.95 -34.37 -12.92
C ASP N 39 -41.77 -34.18 -11.66
N PRO N 40 -43.08 -34.28 -11.80
CA PRO N 40 -44.00 -34.13 -10.66
C PRO N 40 -43.76 -32.83 -9.90
N GLN N 41 -43.78 -31.72 -10.63
CA GLN N 41 -43.56 -30.41 -10.02
C GLN N 41 -43.89 -29.26 -10.97
N ARG N 42 -42.90 -28.83 -11.74
CA ARG N 42 -43.03 -27.69 -12.63
C ARG N 42 -44.35 -27.67 -13.40
N ASP N 43 -44.48 -28.55 -14.38
CA ASP N 43 -45.70 -28.62 -15.20
C ASP N 43 -45.91 -30.03 -15.75
N LYS N 44 -47.14 -30.54 -15.61
CA LYS N 44 -47.46 -31.88 -16.08
C LYS N 44 -48.96 -32.18 -16.02
N ARG N 45 -49.72 -31.31 -15.34
CA ARG N 45 -51.15 -31.50 -15.16
C ARG N 45 -51.92 -30.23 -14.77
N PHE N 46 -53.23 -30.36 -14.62
CA PHE N 46 -54.10 -29.22 -14.31
C PHE N 46 -55.46 -29.67 -13.79
N SER N 47 -56.46 -29.68 -14.66
CA SER N 47 -57.81 -30.06 -14.28
C SER N 47 -58.66 -30.48 -15.48
N GLY N 48 -59.57 -31.42 -15.26
CA GLY N 48 -60.43 -31.92 -16.31
C GLY N 48 -60.36 -33.44 -16.45
N SER N 49 -61.50 -34.10 -16.31
CA SER N 49 -61.56 -35.57 -16.39
C SER N 49 -61.72 -36.03 -17.84
N LEU N 50 -61.60 -37.34 -18.06
CA LEU N 50 -61.65 -37.88 -19.43
C LEU N 50 -63.06 -38.30 -19.88
N LYS N 51 -63.58 -39.45 -19.43
CA LYS N 51 -62.90 -40.44 -18.59
C LYS N 51 -62.79 -41.70 -19.43
N LEU N 52 -62.07 -42.76 -19.00
CA LEU N 52 -61.37 -42.93 -17.72
C LEU N 52 -62.28 -43.47 -16.61
N PRO N 53 -62.18 -42.86 -15.43
CA PRO N 53 -62.98 -43.27 -14.26
C PRO N 53 -62.46 -44.53 -13.58
N ASN N 54 -62.02 -44.37 -12.34
CA ASN N 54 -61.54 -45.48 -11.53
C ASN N 54 -61.24 -45.01 -10.11
N CYS N 55 -60.18 -45.55 -9.52
CA CYS N 55 -59.77 -45.16 -8.17
C CYS N 55 -58.42 -45.79 -7.80
N PRO N 56 -58.46 -46.77 -6.90
CA PRO N 56 -57.24 -47.37 -6.39
C PRO N 56 -56.76 -48.55 -7.22
N ARG N 57 -57.40 -49.70 -7.02
CA ARG N 57 -56.99 -50.99 -7.58
C ARG N 57 -56.18 -51.79 -6.56
N PRO N 58 -55.44 -51.07 -5.72
CA PRO N 58 -54.65 -51.67 -4.65
C PRO N 58 -53.90 -50.62 -3.84
N ASN N 59 -54.35 -50.40 -2.60
CA ASN N 59 -53.74 -49.43 -1.70
C ASN N 59 -53.83 -48.00 -2.23
N MET N 60 -53.58 -47.02 -1.34
CA MET N 60 -53.68 -45.62 -1.74
C MET N 60 -52.88 -44.68 -0.83
N SER N 61 -52.25 -45.22 0.20
CA SER N 61 -51.41 -44.42 1.08
C SER N 61 -50.40 -43.65 0.24
N ILE N 62 -50.54 -42.33 0.21
CA ILE N 62 -49.71 -41.48 -0.66
C ILE N 62 -48.73 -40.60 0.11
N CYS N 63 -49.10 -39.33 0.31
CA CYS N 63 -48.22 -38.38 0.98
C CYS N 63 -48.95 -37.11 1.47
N ILE N 64 -48.77 -36.79 2.75
CA ILE N 64 -49.35 -35.58 3.33
C ILE N 64 -48.81 -35.35 4.74
N PHE N 65 -48.03 -34.28 4.90
CA PHE N 65 -47.44 -33.95 6.20
C PHE N 65 -46.67 -32.64 6.17
N GLY N 66 -46.40 -32.09 7.36
CA GLY N 66 -45.68 -30.84 7.48
C GLY N 66 -45.47 -30.45 8.94
N ASP N 67 -46.57 -30.23 9.65
CA ASP N 67 -46.51 -29.86 11.06
C ASP N 67 -47.23 -30.87 11.93
N ALA N 68 -47.30 -30.61 13.24
CA ALA N 68 -47.96 -31.51 14.18
C ALA N 68 -49.44 -31.61 13.86
N PHE N 69 -49.91 -30.75 12.96
CA PHE N 69 -51.30 -30.73 12.55
C PHE N 69 -51.50 -31.49 11.24
N ASP N 70 -50.41 -31.96 10.65
CA ASP N 70 -50.47 -32.69 9.39
C ASP N 70 -50.68 -34.19 9.65
N VAL N 71 -50.48 -34.59 10.89
CA VAL N 71 -50.72 -35.98 11.29
C VAL N 71 -52.21 -36.29 11.23
N ASP N 72 -53.01 -35.42 11.84
CA ASP N 72 -54.46 -35.54 11.78
C ASP N 72 -54.90 -35.32 10.35
N ARG N 73 -53.97 -34.82 9.52
CA ARG N 73 -54.18 -34.72 8.09
C ARG N 73 -53.75 -36.03 7.45
N ALA N 74 -53.86 -37.11 8.22
CA ALA N 74 -53.52 -38.45 7.75
C ALA N 74 -53.92 -39.48 8.80
N LYS N 75 -54.88 -39.13 9.65
CA LYS N 75 -55.32 -39.99 10.75
C LYS N 75 -56.61 -40.74 10.43
N SER N 76 -57.65 -40.01 10.03
CA SER N 76 -58.92 -40.62 9.66
C SER N 76 -58.83 -41.21 8.25
N CYS N 77 -57.60 -41.45 7.79
CA CYS N 77 -57.37 -42.03 6.47
C CYS N 77 -56.12 -42.91 6.49
N GLY N 78 -55.00 -42.37 6.01
CA GLY N 78 -53.74 -43.11 6.01
C GLY N 78 -52.71 -42.57 5.03
N VAL N 79 -51.64 -41.99 5.56
CA VAL N 79 -50.60 -41.41 4.72
C VAL N 79 -49.20 -41.52 5.34
N ASP N 80 -48.25 -40.75 4.81
CA ASP N 80 -46.86 -40.79 5.27
C ASP N 80 -46.52 -39.58 6.14
N ALA N 81 -45.37 -39.66 6.82
CA ALA N 81 -44.97 -38.62 7.77
C ALA N 81 -43.75 -37.84 7.32
N MET N 82 -43.80 -36.52 7.51
CA MET N 82 -42.70 -35.63 7.16
C MET N 82 -41.86 -35.31 8.38
N SER N 83 -42.43 -35.57 9.55
CA SER N 83 -41.77 -35.31 10.81
C SER N 83 -41.60 -33.82 11.07
N VAL N 84 -41.29 -33.48 12.32
CA VAL N 84 -41.05 -32.10 12.71
C VAL N 84 -39.56 -31.83 12.86
N ASP N 85 -38.93 -32.54 13.79
CA ASP N 85 -37.49 -32.41 14.02
C ASP N 85 -36.71 -33.31 13.07
N ASP N 86 -36.90 -33.11 11.76
CA ASP N 86 -36.22 -33.90 10.75
C ASP N 86 -35.84 -33.06 9.54
N LEU N 87 -36.55 -31.97 9.32
CA LEU N 87 -36.25 -31.06 8.22
C LEU N 87 -34.98 -30.28 8.49
N LYS N 88 -34.36 -30.56 9.64
CA LYS N 88 -33.10 -29.95 10.02
C LYS N 88 -32.05 -31.01 10.31
N LYS N 89 -32.29 -32.21 9.78
CA LYS N 89 -31.38 -33.33 10.02
C LYS N 89 -31.58 -34.48 9.02
N LEU N 90 -32.81 -34.97 8.94
CA LEU N 90 -33.14 -36.09 8.07
C LEU N 90 -34.64 -36.26 7.81
N ASN N 91 -35.19 -35.38 6.98
CA ASN N 91 -36.56 -35.53 6.49
C ASN N 91 -36.53 -35.47 4.98
N LYS N 92 -35.33 -35.52 4.42
CA LYS N 92 -35.12 -35.41 2.99
C LYS N 92 -33.64 -35.58 2.61
N ASN N 93 -33.40 -36.27 1.50
CA ASN N 93 -32.03 -36.46 0.98
C ASN N 93 -32.05 -37.37 -0.24
N LYS N 94 -32.51 -38.60 -0.05
CA LYS N 94 -32.61 -39.57 -1.14
C LYS N 94 -33.67 -40.64 -0.80
N LYS N 95 -33.41 -41.41 0.25
CA LYS N 95 -34.38 -42.38 0.73
C LYS N 95 -35.20 -41.75 1.86
N LEU N 96 -34.95 -40.47 2.12
CA LEU N 96 -35.63 -39.75 3.18
C LEU N 96 -36.84 -39.00 2.66
N ILE N 97 -36.61 -37.92 1.91
CA ILE N 97 -37.71 -37.18 1.31
C ILE N 97 -38.60 -38.16 0.56
N LYS N 98 -37.96 -39.20 0.02
CA LYS N 98 -38.68 -40.32 -0.57
C LYS N 98 -39.75 -40.77 0.41
N LYS N 99 -39.32 -41.49 1.45
CA LYS N 99 -40.23 -41.98 2.49
C LYS N 99 -41.58 -41.26 2.56
N LEU N 100 -41.54 -39.95 2.80
CA LEU N 100 -42.76 -39.17 2.97
C LEU N 100 -43.45 -38.87 1.65
N SER N 101 -42.66 -38.68 0.60
CA SER N 101 -43.21 -38.32 -0.71
C SER N 101 -43.15 -39.47 -1.71
N LYS N 102 -42.67 -40.63 -1.25
CA LYS N 102 -42.48 -41.79 -2.13
C LYS N 102 -43.39 -42.95 -1.75
N LYS N 103 -44.59 -42.97 -2.33
CA LYS N 103 -45.56 -44.03 -2.08
C LYS N 103 -46.00 -44.71 -3.37
N TYR N 104 -46.93 -44.07 -4.07
CA TYR N 104 -47.42 -44.58 -5.33
C TYR N 104 -48.22 -43.50 -6.05
N ASN N 105 -49.17 -42.91 -5.32
CA ASN N 105 -50.04 -41.88 -5.87
C ASN N 105 -49.27 -40.62 -6.22
N ALA N 106 -48.99 -39.79 -5.21
CA ALA N 106 -48.27 -38.53 -5.41
C ALA N 106 -48.07 -37.80 -4.09
N PHE N 107 -48.89 -36.79 -3.85
CA PHE N 107 -48.83 -35.99 -2.64
C PHE N 107 -50.08 -35.13 -2.49
N ILE N 108 -50.47 -34.87 -1.24
CA ILE N 108 -51.66 -34.07 -0.96
C ILE N 108 -51.49 -33.26 0.33
N ALA N 109 -50.26 -32.95 0.68
CA ALA N 109 -49.97 -32.16 1.86
C ALA N 109 -50.08 -30.67 1.56
N SER N 110 -49.56 -29.85 2.46
CA SER N 110 -49.58 -28.39 2.29
C SER N 110 -48.18 -27.85 1.99
N GLU N 111 -47.88 -26.67 2.50
CA GLU N 111 -46.60 -26.01 2.22
C GLU N 111 -45.99 -25.32 3.45
N VAL N 112 -44.66 -25.35 3.53
CA VAL N 112 -43.91 -24.73 4.61
C VAL N 112 -42.45 -25.14 4.49
N LEU N 113 -41.61 -24.25 3.97
CA LEU N 113 -40.22 -24.60 3.69
C LEU N 113 -39.19 -23.51 4.04
N ILE N 114 -39.43 -22.30 3.53
CA ILE N 114 -38.49 -21.18 3.69
C ILE N 114 -37.31 -21.27 2.72
N LYS N 115 -36.09 -21.12 3.24
CA LYS N 115 -34.90 -21.10 2.38
C LYS N 115 -34.28 -22.48 2.16
N GLN N 116 -35.10 -23.52 2.22
CA GLN N 116 -34.60 -24.88 2.08
C GLN N 116 -35.46 -25.74 1.16
N VAL N 117 -35.04 -25.85 -0.11
CA VAL N 117 -35.74 -26.69 -1.09
C VAL N 117 -35.06 -26.73 -2.46
N PRO N 118 -33.80 -26.31 -2.53
CA PRO N 118 -33.06 -26.31 -3.78
C PRO N 118 -32.14 -27.53 -3.88
N ARG N 119 -32.19 -28.38 -2.86
CA ARG N 119 -31.41 -29.61 -2.82
C ARG N 119 -31.58 -30.34 -1.49
N LEU N 120 -32.82 -30.63 -1.13
CA LEU N 120 -33.11 -31.34 0.12
C LEU N 120 -34.58 -31.76 0.22
N LEU N 121 -35.34 -31.05 1.05
CA LEU N 121 -36.74 -31.38 1.29
C LEU N 121 -37.57 -31.33 0.01
N GLY N 122 -38.12 -30.15 -0.29
CA GLY N 122 -38.96 -29.96 -1.46
C GLY N 122 -38.28 -30.43 -2.73
N PRO N 123 -36.96 -30.24 -2.80
CA PRO N 123 -36.20 -30.64 -3.97
C PRO N 123 -36.21 -32.16 -4.15
N GLN N 124 -35.18 -32.81 -3.62
CA GLN N 124 -34.99 -34.25 -3.79
C GLN N 124 -36.27 -35.06 -3.50
N LEU N 125 -37.10 -35.23 -4.53
CA LEU N 125 -38.35 -35.97 -4.41
C LEU N 125 -39.21 -35.80 -5.67
N SER N 126 -39.03 -34.67 -6.34
CA SER N 126 -39.83 -34.31 -7.50
C SER N 126 -40.15 -35.47 -8.42
N LYS N 127 -39.31 -35.67 -9.43
CA LYS N 127 -39.52 -36.74 -10.40
C LYS N 127 -39.47 -38.10 -9.72
N ALA N 128 -39.02 -38.13 -8.47
CA ALA N 128 -39.04 -39.36 -7.69
C ALA N 128 -40.50 -39.78 -7.50
N GLY N 129 -41.35 -38.83 -7.14
CA GLY N 129 -42.76 -39.11 -6.98
C GLY N 129 -43.56 -38.05 -6.23
N LYS N 130 -42.99 -36.87 -6.05
CA LYS N 130 -43.69 -35.77 -5.38
C LYS N 130 -42.86 -34.49 -5.26
N PHE N 131 -43.55 -33.34 -5.35
CA PHE N 131 -42.90 -32.04 -5.18
C PHE N 131 -43.93 -30.91 -5.12
N PRO N 132 -44.85 -31.00 -4.15
CA PRO N 132 -45.87 -29.97 -3.94
C PRO N 132 -46.79 -29.79 -5.15
N THR N 133 -47.85 -30.58 -5.20
CA THR N 133 -48.81 -30.52 -6.30
C THR N 133 -50.12 -29.85 -5.87
N PRO N 134 -51.11 -29.90 -6.76
CA PRO N 134 -52.41 -29.27 -6.50
C PRO N 134 -53.38 -30.23 -5.84
N VAL N 135 -53.44 -30.19 -4.51
CA VAL N 135 -54.36 -31.04 -3.76
C VAL N 135 -55.22 -30.21 -2.81
N SER N 136 -55.68 -29.06 -3.29
CA SER N 136 -56.48 -28.13 -2.50
C SER N 136 -56.13 -28.14 -1.02
N HIS N 137 -54.84 -28.09 -0.72
CA HIS N 137 -54.38 -28.13 0.66
C HIS N 137 -54.72 -26.83 1.39
N ASN N 138 -55.85 -26.84 2.08
CA ASN N 138 -56.29 -25.69 2.84
C ASN N 138 -57.28 -26.11 3.94
N ASP N 139 -58.23 -26.96 3.57
CA ASP N 139 -59.15 -27.53 4.53
C ASP N 139 -58.58 -28.83 5.09
N ASP N 140 -57.83 -29.55 4.26
CA ASP N 140 -57.11 -30.76 4.66
C ASP N 140 -56.55 -31.51 3.46
N LEU N 141 -56.77 -32.83 3.45
CA LEU N 141 -56.32 -33.68 2.35
C LEU N 141 -57.29 -34.84 2.12
N TYR N 142 -58.59 -34.53 2.12
CA TYR N 142 -59.63 -35.54 1.94
C TYR N 142 -60.63 -35.15 0.85
N GLY N 143 -61.17 -33.94 0.95
CA GLY N 143 -62.09 -33.44 -0.05
C GLY N 143 -61.39 -33.31 -1.40
N LYS N 144 -60.17 -32.80 -1.36
CA LYS N 144 -59.32 -32.76 -2.54
C LYS N 144 -58.65 -34.11 -2.72
N VAL N 145 -58.87 -35.00 -1.74
CA VAL N 145 -58.42 -36.37 -1.87
C VAL N 145 -59.48 -37.18 -2.61
N THR N 146 -60.49 -36.47 -3.12
CA THR N 146 -61.35 -37.02 -4.15
C THR N 146 -60.47 -37.04 -5.39
N ASP N 147 -59.42 -36.22 -5.34
CA ASP N 147 -58.33 -36.26 -6.29
C ASP N 147 -57.13 -36.90 -5.59
N VAL N 148 -57.39 -37.99 -4.87
CA VAL N 148 -56.35 -38.73 -4.16
C VAL N 148 -56.90 -39.92 -3.37
N ARG N 149 -57.95 -40.55 -3.90
CA ARG N 149 -58.54 -41.72 -3.28
C ARG N 149 -59.57 -42.41 -4.19
N SER N 150 -60.69 -41.73 -4.42
CA SER N 150 -61.75 -42.26 -5.26
C SER N 150 -62.47 -41.16 -6.03
N THR N 151 -62.84 -41.45 -7.26
CA THR N 151 -63.55 -40.50 -8.11
C THR N 151 -62.80 -39.18 -8.28
N ILE N 152 -61.93 -39.06 -9.29
CA ILE N 152 -61.62 -40.11 -10.28
C ILE N 152 -62.78 -40.53 -11.19
N LYS N 153 -62.69 -40.22 -12.50
CA LYS N 153 -61.55 -39.57 -13.12
C LYS N 153 -60.25 -40.38 -12.97
N PHE N 154 -59.11 -39.69 -13.04
CA PHE N 154 -57.82 -40.35 -12.93
C PHE N 154 -56.68 -39.37 -12.69
N GLN N 155 -56.59 -38.87 -11.45
CA GLN N 155 -55.50 -37.97 -11.07
C GLN N 155 -54.17 -38.67 -11.32
N LEU N 156 -53.42 -38.18 -12.31
CA LEU N 156 -52.17 -38.81 -12.70
C LEU N 156 -50.96 -37.94 -12.34
N LYS N 157 -50.29 -38.28 -11.23
CA LYS N 157 -49.14 -37.52 -10.75
C LYS N 157 -48.01 -38.41 -10.25
N LYS N 158 -47.04 -37.79 -9.57
CA LYS N 158 -45.88 -38.51 -9.03
C LYS N 158 -45.06 -39.20 -10.10
N VAL N 159 -45.11 -40.53 -10.10
CA VAL N 159 -44.39 -41.34 -11.08
C VAL N 159 -45.37 -42.10 -11.97
N LEU N 160 -45.56 -41.62 -13.19
CA LEU N 160 -46.50 -42.23 -14.12
C LEU N 160 -47.91 -42.30 -13.52
N CYS N 161 -48.57 -43.45 -13.69
CA CYS N 161 -49.86 -43.73 -13.06
C CYS N 161 -51.06 -43.01 -13.68
N LEU N 162 -52.18 -43.72 -13.77
CA LEU N 162 -53.44 -43.20 -14.29
C LEU N 162 -54.50 -44.32 -14.34
N ALA N 163 -55.57 -44.08 -15.09
CA ALA N 163 -56.66 -45.08 -15.17
C ALA N 163 -57.41 -45.06 -16.50
N VAL N 164 -58.42 -45.94 -16.61
CA VAL N 164 -59.20 -46.07 -17.83
C VAL N 164 -60.37 -47.04 -17.63
N ALA N 165 -61.39 -46.92 -18.49
CA ALA N 165 -62.56 -47.80 -18.45
C ALA N 165 -63.62 -47.36 -19.48
N VAL N 166 -64.48 -48.30 -19.89
CA VAL N 166 -65.57 -47.96 -20.81
C VAL N 166 -66.74 -48.95 -20.69
N GLY N 167 -66.47 -50.22 -20.96
CA GLY N 167 -67.50 -51.24 -20.93
C GLY N 167 -67.19 -52.39 -19.99
N ASN N 168 -67.78 -53.55 -20.26
CA ASN N 168 -67.63 -54.71 -19.39
C ASN N 168 -66.86 -55.85 -20.06
N VAL N 169 -67.60 -56.78 -20.66
CA VAL N 169 -67.01 -57.95 -21.29
C VAL N 169 -66.71 -57.72 -22.77
N GLU N 170 -67.75 -57.70 -23.60
CA GLU N 170 -67.57 -57.54 -25.04
C GLU N 170 -68.71 -56.76 -25.72
N MET N 171 -68.41 -55.53 -26.13
CA MET N 171 -69.38 -54.69 -26.82
C MET N 171 -68.75 -53.37 -27.27
N GLU N 172 -67.44 -53.37 -27.48
CA GLU N 172 -66.73 -52.17 -27.89
C GLU N 172 -65.61 -52.45 -28.91
N GLU N 173 -65.46 -51.57 -29.89
CA GLU N 173 -64.44 -51.72 -30.91
C GLU N 173 -63.78 -50.38 -31.27
N ASP N 174 -64.34 -49.69 -32.25
CA ASP N 174 -63.86 -48.36 -32.61
C ASP N 174 -63.92 -47.47 -31.38
N VAL N 175 -64.93 -47.71 -30.54
CA VAL N 175 -65.10 -46.99 -29.29
C VAL N 175 -64.48 -47.76 -28.13
N LEU N 176 -63.77 -48.84 -28.44
CA LEU N 176 -63.01 -49.57 -27.44
C LEU N 176 -61.62 -48.98 -27.36
N VAL N 177 -60.95 -48.90 -28.51
CA VAL N 177 -59.68 -48.20 -28.60
C VAL N 177 -59.99 -46.71 -28.47
N ASN N 178 -61.05 -46.29 -29.14
CA ASN N 178 -61.52 -44.92 -29.03
C ASN N 178 -62.20 -44.70 -27.69
N GLN N 179 -62.27 -45.76 -26.89
CA GLN N 179 -62.72 -45.65 -25.50
C GLN N 179 -61.50 -45.52 -24.60
N ILE N 180 -60.40 -46.10 -25.04
CA ILE N 180 -59.13 -45.99 -24.35
C ILE N 180 -58.61 -44.57 -24.47
N LEU N 181 -58.76 -44.01 -25.67
CA LEU N 181 -58.44 -42.60 -25.88
C LEU N 181 -59.35 -41.74 -25.02
N MET N 182 -60.64 -42.03 -25.07
CA MET N 182 -61.62 -41.37 -24.22
C MET N 182 -61.18 -41.53 -22.77
N SER N 183 -60.54 -42.65 -22.49
CA SER N 183 -59.94 -42.90 -21.19
C SER N 183 -58.59 -42.19 -21.14
N VAL N 184 -58.58 -40.95 -21.61
CA VAL N 184 -57.38 -40.13 -21.64
C VAL N 184 -57.80 -38.71 -22.02
N ASN N 185 -57.30 -37.73 -21.27
CA ASN N 185 -57.64 -36.33 -21.51
C ASN N 185 -56.45 -35.42 -21.23
N PHE N 186 -56.47 -34.76 -20.07
CA PHE N 186 -55.34 -33.94 -19.65
C PHE N 186 -54.15 -34.85 -19.31
N PHE N 187 -54.18 -36.06 -19.89
CA PHE N 187 -53.11 -37.02 -19.73
C PHE N 187 -52.64 -37.53 -21.10
N VAL N 188 -53.47 -37.35 -22.12
CA VAL N 188 -53.07 -37.65 -23.50
C VAL N 188 -52.79 -36.36 -24.28
N SER N 189 -53.46 -35.29 -23.88
CA SER N 189 -53.28 -33.97 -24.48
C SER N 189 -53.67 -32.87 -23.49
N LEU N 190 -53.56 -31.61 -23.92
CA LEU N 190 -53.92 -30.48 -23.05
C LEU N 190 -53.93 -29.14 -23.79
N LEU N 191 -53.26 -28.15 -23.20
CA LEU N 191 -53.22 -26.79 -23.75
C LEU N 191 -52.31 -26.70 -24.98
N LYS N 192 -51.42 -25.73 -24.98
CA LYS N 192 -50.54 -25.49 -26.12
C LYS N 192 -49.75 -26.74 -26.51
N LYS N 193 -50.18 -27.39 -27.58
CA LYS N 193 -49.50 -28.57 -28.11
C LYS N 193 -49.35 -29.68 -27.06
N ASN N 194 -49.98 -30.82 -27.32
CA ASN N 194 -49.90 -31.94 -26.39
C ASN N 194 -50.53 -33.24 -26.91
N TRP N 195 -50.67 -33.35 -28.24
CA TRP N 195 -51.29 -34.53 -28.83
C TRP N 195 -50.47 -35.81 -28.63
N GLN N 196 -49.24 -35.65 -28.16
CA GLN N 196 -48.35 -36.80 -27.91
C GLN N 196 -47.00 -36.37 -27.32
N ASN N 197 -46.49 -37.14 -26.36
CA ASN N 197 -45.22 -36.84 -25.72
C ASN N 197 -44.66 -38.05 -24.97
N VAL N 198 -44.33 -39.10 -25.71
CA VAL N 198 -43.81 -40.33 -25.11
C VAL N 198 -43.04 -41.20 -26.10
N GLY N 199 -43.36 -42.49 -26.13
CA GLY N 199 -42.72 -43.44 -27.01
C GLY N 199 -43.54 -44.70 -27.20
N SER N 200 -44.06 -45.23 -26.10
CA SER N 200 -44.90 -46.43 -26.12
C SER N 200 -45.61 -46.61 -24.79
N LEU N 201 -46.07 -47.83 -24.53
CA LEU N 201 -46.74 -48.16 -23.28
C LEU N 201 -47.24 -49.60 -23.27
N VAL N 202 -48.42 -49.82 -22.70
CA VAL N 202 -49.02 -51.14 -22.62
C VAL N 202 -50.54 -51.06 -22.41
N VAL N 203 -51.19 -52.21 -22.42
CA VAL N 203 -52.64 -52.31 -22.20
C VAL N 203 -53.17 -53.72 -22.45
N LYS N 204 -54.38 -53.99 -21.97
CA LYS N 204 -55.03 -55.29 -22.14
C LYS N 204 -56.38 -55.36 -21.43
N SER N 205 -56.40 -56.07 -20.31
CA SER N 205 -57.61 -56.27 -19.52
C SER N 205 -57.34 -57.41 -18.53
N SER N 206 -56.89 -58.53 -19.09
CA SER N 206 -56.58 -59.73 -18.33
C SER N 206 -56.16 -60.80 -19.33
N MET N 207 -56.59 -60.60 -20.57
CA MET N 207 -56.31 -61.54 -21.65
C MET N 207 -54.83 -61.67 -21.92
N GLY N 208 -54.38 -61.06 -23.01
CA GLY N 208 -52.99 -61.11 -23.40
C GLY N 208 -52.61 -59.91 -24.24
N PRO N 209 -51.75 -59.06 -23.68
CA PRO N 209 -51.22 -57.90 -24.40
C PRO N 209 -52.31 -57.03 -25.02
N ALA N 210 -51.89 -56.21 -25.98
CA ALA N 210 -52.81 -55.34 -26.70
C ALA N 210 -52.21 -54.98 -28.05
N PHE N 211 -51.51 -53.85 -28.09
CA PHE N 211 -50.80 -53.44 -29.30
C PHE N 211 -49.45 -54.15 -29.35
N ARG N 212 -49.17 -54.84 -30.45
CA ARG N 212 -47.94 -55.62 -30.59
C ARG N 212 -46.79 -54.82 -31.20
N LEU N 213 -46.92 -53.50 -31.19
CA LEU N 213 -45.89 -52.61 -31.73
C LEU N 213 -44.68 -52.53 -30.80
#